data_8UFZ
#
_entry.id   8UFZ
#
_cell.length_a   55.375
_cell.length_b   74.446
_cell.length_c   58.097
_cell.angle_alpha   90.000
_cell.angle_beta   113.837
_cell.angle_gamma   90.000
#
_symmetry.space_group_name_H-M   'P 1 21 1'
#
loop_
_entity.id
_entity.type
_entity.pdbx_description
1 polymer "DNA (5'-D(*AP*AP*TP*AP*AP*AP*AP*GP*CP*GP*GP*AP*AP*GP*TP*G)-3')"
2 polymer "DNA (5'-D(*TP*CP*AP*CP*TP*TP*CP*CP*GP*CP*TP*TP*TP*TP*AP*T)-3')"
3 polymer 'Transcription factor PU.1'
4 non-polymer "(2M,2'M)-2,2'-(selenophene-2,5-diyl)di(1H-benzimidazole-6-carboximidamide)"
#
loop_
_entity_poly.entity_id
_entity_poly.type
_entity_poly.pdbx_seq_one_letter_code
_entity_poly.pdbx_strand_id
1 'polydeoxyribonucleotide' (DA)(DA)(DT)(DA)(DA)(DA)(DA)(DG)(DC)(DG)(DG)(DA)(DA)(DG)(DT)(DG) A,C
2 'polydeoxyribonucleotide' (DT)(DC)(DA)(DC)(DT)(DT)(DC)(DC)(DG)(DC)(DT)(DT)(DT)(DT)(DA)(DT) B,D
3 'polypeptide(L)'
;GSKKKIRLYQFLLDLLRSGDMKDSIWWVDKDKGTFQFSSKHKEALAHRWGIQKGNRKKMTYQKMARALRNYGKTGEVKKV
KKKLTYQFSGEVLGRGGLAERRHPPH
;
E,F
#
# COMPACT_ATOMS: atom_id res chain seq x y z
N LYS E 5 26.24 7.93 -3.67
CA LYS E 5 25.64 6.60 -3.84
C LYS E 5 25.76 6.13 -5.28
N ILE E 6 25.10 5.02 -5.60
CA ILE E 6 25.15 4.42 -6.91
C ILE E 6 23.85 4.73 -7.64
N ARG E 7 23.90 4.67 -8.96
CA ARG E 7 22.73 4.88 -9.81
C ARG E 7 22.14 3.54 -10.23
N LEU E 8 20.86 3.59 -10.60
CA LEU E 8 20.11 2.36 -10.88
C LEU E 8 20.73 1.58 -12.04
N TYR E 9 20.90 2.23 -13.19
CA TYR E 9 21.37 1.50 -14.37
C TYR E 9 22.71 0.82 -14.11
N GLN E 10 23.54 1.40 -13.24
CA GLN E 10 24.79 0.74 -12.88
C GLN E 10 24.55 -0.49 -12.03
N PHE E 11 23.62 -0.40 -11.06
CA PHE E 11 23.32 -1.55 -10.22
C PHE E 11 22.87 -2.74 -11.06
N LEU E 12 22.05 -2.50 -12.08
CA LEU E 12 21.59 -3.59 -12.93
C LEU E 12 22.70 -4.07 -13.85
N LEU E 13 23.36 -3.15 -14.55
CA LEU E 13 24.43 -3.52 -15.47
C LEU E 13 25.45 -4.43 -14.80
N ASP E 14 25.87 -4.08 -13.58
CA ASP E 14 26.88 -4.86 -12.89
C ASP E 14 26.45 -6.32 -12.78
N LEU E 15 25.24 -6.55 -12.25
CA LEU E 15 24.75 -7.92 -12.14
C LEU E 15 24.74 -8.61 -13.49
N LEU E 16 24.26 -7.92 -14.53
CA LEU E 16 24.27 -8.51 -15.87
C LEU E 16 25.67 -8.89 -16.31
N ARG E 17 26.68 -8.14 -15.88
CA ARG E 17 28.05 -8.50 -16.19
C ARG E 17 28.58 -9.54 -15.20
N SER E 18 28.03 -9.57 -13.99
CA SER E 18 28.44 -10.54 -12.98
C SER E 18 27.64 -11.83 -13.04
N GLY E 19 26.43 -11.81 -13.60
CA GLY E 19 25.56 -12.97 -13.49
C GLY E 19 25.18 -13.28 -12.07
N ASP E 20 25.24 -12.28 -11.18
CA ASP E 20 25.00 -12.52 -9.76
C ASP E 20 23.59 -13.03 -9.50
N MET E 21 22.64 -12.69 -10.36
CA MET E 21 21.24 -13.13 -10.22
C MET E 21 20.76 -13.61 -11.59
N LYS E 22 21.30 -14.76 -12.03
CA LYS E 22 20.90 -15.32 -13.31
C LYS E 22 19.43 -15.76 -13.30
N ASP E 23 18.92 -16.20 -12.15
CA ASP E 23 17.52 -16.62 -12.08
C ASP E 23 16.54 -15.47 -12.20
N SER E 24 17.01 -14.22 -12.05
CA SER E 24 16.12 -13.06 -12.04
C SER E 24 16.38 -12.07 -13.17
N ILE E 25 17.55 -12.09 -13.80
CA ILE E 25 17.86 -11.16 -14.88
C ILE E 25 18.87 -11.82 -15.80
N TRP E 26 18.75 -11.54 -17.09
CA TRP E 26 19.60 -12.17 -18.09
C TRP E 26 19.56 -11.35 -19.37
N TRP E 27 20.57 -11.53 -20.21
CA TRP E 27 20.57 -10.91 -21.53
C TRP E 27 19.61 -11.63 -22.47
N VAL E 28 18.97 -10.86 -23.34
CA VAL E 28 18.24 -11.40 -24.49
C VAL E 28 19.09 -11.35 -25.74
N ASP E 29 19.75 -10.21 -25.98
CA ASP E 29 20.77 -10.06 -27.03
C ASP E 29 21.89 -9.23 -26.42
N LYS E 30 22.87 -9.91 -25.82
CA LYS E 30 23.96 -9.23 -25.12
C LYS E 30 24.66 -8.21 -26.00
N ASP E 31 24.54 -8.32 -27.32
CA ASP E 31 25.17 -7.35 -28.22
C ASP E 31 24.32 -6.09 -28.34
N LYS E 32 23.04 -6.25 -28.69
CA LYS E 32 22.17 -5.08 -28.85
C LYS E 32 21.97 -4.32 -27.56
N GLY E 33 22.15 -4.98 -26.41
CA GLY E 33 21.96 -4.34 -25.13
C GLY E 33 20.63 -4.60 -24.46
N THR E 34 19.87 -5.59 -24.92
CA THR E 34 18.57 -5.90 -24.34
C THR E 34 18.74 -6.88 -23.18
N PHE E 35 17.84 -6.78 -22.21
CA PHE E 35 17.85 -7.66 -21.06
C PHE E 35 16.41 -7.88 -20.59
N GLN E 36 16.22 -8.95 -19.81
CA GLN E 36 14.89 -9.41 -19.44
C GLN E 36 14.90 -9.93 -18.01
N PHE E 37 13.78 -9.74 -17.32
CA PHE E 37 13.60 -10.18 -15.95
C PHE E 37 12.74 -11.44 -15.90
N SER E 38 12.94 -12.22 -14.84
CA SER E 38 12.11 -13.40 -14.60
C SER E 38 10.75 -12.95 -14.07
N SER E 39 9.68 -13.33 -14.77
CA SER E 39 8.34 -12.95 -14.32
C SER E 39 8.07 -13.42 -12.91
N LYS E 40 8.69 -14.52 -12.49
CA LYS E 40 8.46 -15.06 -11.16
C LYS E 40 9.48 -14.54 -10.15
N HIS E 41 10.74 -14.38 -10.57
CA HIS E 41 11.82 -14.01 -9.66
C HIS E 41 12.22 -12.54 -9.76
N LYS E 42 11.46 -11.73 -10.49
CA LYS E 42 11.81 -10.32 -10.61
C LYS E 42 11.66 -9.59 -9.28
N GLU E 43 10.70 -9.98 -8.46
CA GLU E 43 10.51 -9.31 -7.17
C GLU E 43 11.71 -9.49 -6.27
N ALA E 44 12.33 -10.67 -6.28
CA ALA E 44 13.46 -10.94 -5.41
C ALA E 44 14.67 -10.07 -5.76
N LEU E 45 14.69 -9.47 -6.95
CA LEU E 45 15.76 -8.57 -7.33
C LEU E 45 15.47 -7.15 -6.85
N ALA E 46 14.29 -6.62 -7.16
CA ALA E 46 13.91 -5.30 -6.69
C ALA E 46 14.06 -5.19 -5.17
N HIS E 47 13.88 -6.31 -4.45
CA HIS E 47 14.05 -6.28 -3.01
C HIS E 47 15.49 -5.91 -2.64
N ARG E 48 16.47 -6.56 -3.28
CA ARG E 48 17.86 -6.24 -3.00
C ARG E 48 18.14 -4.76 -3.27
N TRP E 49 17.53 -4.19 -4.31
CA TRP E 49 17.75 -2.79 -4.63
C TRP E 49 17.31 -1.88 -3.49
N GLY E 50 16.08 -2.08 -2.99
CA GLY E 50 15.63 -1.29 -1.86
C GLY E 50 16.48 -1.47 -0.62
N ILE E 51 17.17 -2.61 -0.51
CA ILE E 51 18.06 -2.82 0.62
C ILE E 51 19.40 -2.13 0.37
N GLN E 52 19.96 -2.32 -0.82
CA GLN E 52 21.24 -1.67 -1.14
C GLN E 52 21.11 -0.15 -1.15
N LYS E 53 19.90 0.37 -1.38
CA LYS E 53 19.66 1.81 -1.29
C LYS E 53 19.24 2.23 0.11
N GLY E 54 18.63 1.33 0.87
CA GLY E 54 18.17 1.69 2.19
C GLY E 54 16.91 2.52 2.19
N ASN E 55 16.02 2.32 1.22
CA ASN E 55 14.80 3.09 1.17
C ASN E 55 13.94 2.80 2.41
N ARG E 56 13.05 3.74 2.71
CA ARG E 56 12.17 3.58 3.87
C ARG E 56 11.37 2.29 3.76
N LYS E 57 10.67 2.11 2.65
CA LYS E 57 9.79 0.97 2.43
C LYS E 57 10.44 -0.01 1.47
N LYS E 58 9.90 -1.23 1.45
CA LYS E 58 10.48 -2.26 0.60
C LYS E 58 10.23 -1.95 -0.87
N MET E 59 11.24 -2.21 -1.70
CA MET E 59 11.19 -1.88 -3.12
C MET E 59 10.50 -2.99 -3.90
N THR E 60 9.53 -2.60 -4.74
CA THR E 60 8.81 -3.51 -5.62
C THR E 60 9.20 -3.24 -7.07
N TYR E 61 9.15 -4.30 -7.88
CA TYR E 61 9.47 -4.15 -9.30
C TYR E 61 8.63 -3.07 -9.95
N GLN E 62 7.37 -2.93 -9.54
CA GLN E 62 6.52 -1.90 -10.11
C GLN E 62 7.11 -0.52 -9.89
N LYS E 63 7.69 -0.27 -8.71
CA LYS E 63 8.28 1.03 -8.42
C LYS E 63 9.61 1.21 -9.16
N MET E 64 10.47 0.19 -9.12
CA MET E 64 11.73 0.27 -9.85
C MET E 64 11.49 0.51 -11.33
N ALA E 65 10.54 -0.21 -11.92
CA ALA E 65 10.21 0.01 -13.32
C ALA E 65 9.74 1.43 -13.56
N ARG E 66 9.09 2.05 -12.58
CA ARG E 66 8.68 3.44 -12.73
C ARG E 66 9.89 4.36 -12.86
N ALA E 67 11.03 3.97 -12.29
CA ALA E 67 12.25 4.74 -12.45
C ALA E 67 12.86 4.55 -13.83
N LEU E 68 12.89 3.31 -14.33
CA LEU E 68 13.44 3.06 -15.64
C LEU E 68 12.76 3.91 -16.70
N ARG E 69 11.43 4.03 -16.62
CA ARG E 69 10.69 4.78 -17.63
C ARG E 69 11.10 6.25 -17.65
N ASN E 70 11.72 6.75 -16.58
CA ASN E 70 12.24 8.10 -16.58
C ASN E 70 13.55 8.21 -17.35
N TYR E 71 14.25 7.09 -17.54
CA TYR E 71 15.39 7.06 -18.44
C TYR E 71 14.98 7.19 -19.91
N GLY E 72 13.69 7.04 -20.21
CA GLY E 72 13.25 7.14 -21.59
C GLY E 72 13.55 8.49 -22.21
N LYS E 73 13.30 9.57 -21.46
CA LYS E 73 13.51 10.91 -22.01
C LYS E 73 14.98 11.18 -22.27
N THR E 74 15.87 10.63 -21.43
CA THR E 74 17.30 10.88 -21.57
C THR E 74 18.03 9.81 -22.36
N GLY E 75 17.46 8.61 -22.49
CA GLY E 75 18.00 7.59 -23.34
C GLY E 75 18.80 6.50 -22.65
N GLU E 76 19.06 6.63 -21.34
CA GLU E 76 19.86 5.63 -20.64
C GLU E 76 19.32 4.23 -20.90
N VAL E 77 18.01 4.05 -20.75
CA VAL E 77 17.36 2.76 -20.93
C VAL E 77 16.02 2.99 -21.62
N LYS E 78 15.71 2.15 -22.61
CA LYS E 78 14.47 2.25 -23.35
C LYS E 78 13.81 0.89 -23.39
N LYS E 79 12.57 0.82 -22.90
CA LYS E 79 11.83 -0.44 -22.88
C LYS E 79 11.60 -0.92 -24.30
N VAL E 80 11.47 -2.25 -24.46
CA VAL E 80 11.28 -2.84 -25.77
C VAL E 80 9.79 -3.13 -25.96
N LYS E 81 9.36 -4.36 -25.69
CA LYS E 81 7.97 -4.80 -25.79
C LYS E 81 7.88 -6.27 -25.43
N LYS E 82 8.69 -7.09 -26.12
CA LYS E 82 8.77 -8.54 -25.93
C LYS E 82 8.01 -9.02 -24.70
N LYS E 83 8.46 -8.56 -23.53
CA LYS E 83 7.77 -8.82 -22.27
C LYS E 83 8.47 -7.97 -21.22
N LEU E 84 8.90 -8.58 -20.12
CA LEU E 84 9.68 -7.87 -19.11
C LEU E 84 11.06 -7.50 -19.64
N THR E 85 11.11 -6.89 -20.84
CA THR E 85 12.36 -6.66 -21.54
C THR E 85 12.60 -5.17 -21.74
N TYR E 86 13.84 -4.76 -21.48
CA TYR E 86 14.31 -3.39 -21.71
C TYR E 86 15.58 -3.44 -22.55
N GLN E 87 16.04 -2.26 -22.95
CA GLN E 87 17.20 -2.14 -23.83
C GLN E 87 18.13 -1.07 -23.29
N PHE E 88 19.41 -1.41 -23.21
CA PHE E 88 20.43 -0.44 -22.86
C PHE E 88 20.79 0.42 -24.07
N SER E 89 21.33 1.60 -23.79
CA SER E 89 21.90 2.44 -24.83
C SER E 89 23.40 2.16 -24.96
N GLY E 90 23.94 2.51 -26.11
CA GLY E 90 25.34 2.21 -26.37
C GLY E 90 26.28 2.92 -25.41
N GLU E 91 25.99 4.19 -25.12
CA GLU E 91 26.86 4.98 -24.25
C GLU E 91 27.10 4.29 -22.92
N VAL E 92 26.10 3.56 -22.40
CA VAL E 92 26.26 2.87 -21.13
C VAL E 92 27.16 1.66 -21.30
N LEU E 93 26.93 0.87 -22.34
CA LEU E 93 27.73 -0.34 -22.56
C LEU E 93 29.21 0.00 -22.65
N GLY E 94 29.55 1.12 -23.27
CA GLY E 94 30.93 1.53 -23.42
C GLY E 94 31.12 2.61 -24.47
N LYS F 5 -6.02 16.65 18.93
CA LYS F 5 -6.55 16.00 17.74
C LYS F 5 -7.84 15.26 18.07
N ILE F 6 -8.34 14.49 17.10
CA ILE F 6 -9.57 13.74 17.24
C ILE F 6 -9.25 12.27 17.47
N ARG F 7 -10.16 11.58 18.16
CA ARG F 7 -10.05 10.15 18.39
C ARG F 7 -11.00 9.38 17.49
N LEU F 8 -10.69 8.10 17.27
CA LEU F 8 -11.46 7.28 16.35
C LEU F 8 -12.92 7.16 16.80
N TYR F 9 -13.13 6.71 18.03
CA TYR F 9 -14.50 6.46 18.50
C TYR F 9 -15.36 7.72 18.43
N GLN F 10 -14.75 8.89 18.56
CA GLN F 10 -15.51 10.14 18.43
C GLN F 10 -15.96 10.36 17.00
N PHE F 11 -15.08 10.09 16.03
CA PHE F 11 -15.46 10.24 14.63
C PHE F 11 -16.70 9.41 14.31
N LEU F 12 -16.78 8.20 14.86
CA LEU F 12 -17.94 7.35 14.61
C LEU F 12 -19.18 7.90 15.32
N LEU F 13 -19.07 8.18 16.62
CA LEU F 13 -20.20 8.67 17.39
C LEU F 13 -20.86 9.86 16.70
N ASP F 14 -20.06 10.83 16.27
CA ASP F 14 -20.61 12.04 15.67
C ASP F 14 -21.52 11.72 14.50
N LEU F 15 -21.03 10.93 13.54
CA LEU F 15 -21.85 10.57 12.38
C LEU F 15 -23.15 9.90 12.82
N LEU F 16 -23.06 8.98 13.79
CA LEU F 16 -24.27 8.30 14.25
C LEU F 16 -25.30 9.30 14.77
N ARG F 17 -24.86 10.40 15.37
CA ARG F 17 -25.77 11.44 15.82
C ARG F 17 -26.09 12.45 14.73
N SER F 18 -25.22 12.58 13.73
CA SER F 18 -25.50 13.46 12.59
C SER F 18 -26.25 12.77 11.47
N GLY F 19 -26.15 11.44 11.38
CA GLY F 19 -26.70 10.74 10.23
C GLY F 19 -26.04 11.12 8.92
N ASP F 20 -24.82 11.66 8.96
CA ASP F 20 -24.17 12.13 7.75
C ASP F 20 -23.96 10.98 6.75
N MET F 21 -23.80 9.76 7.24
CA MET F 21 -23.62 8.58 6.40
C MET F 21 -24.54 7.47 6.91
N LYS F 22 -25.85 7.67 6.74
CA LYS F 22 -26.80 6.65 7.17
C LYS F 22 -26.65 5.38 6.35
N ASP F 23 -26.23 5.50 5.09
CA ASP F 23 -26.03 4.34 4.23
C ASP F 23 -24.84 3.49 4.64
N SER F 24 -23.97 4.00 5.52
CA SER F 24 -22.76 3.29 5.90
C SER F 24 -22.70 2.91 7.37
N ILE F 25 -23.48 3.54 8.23
CA ILE F 25 -23.46 3.25 9.66
C ILE F 25 -24.81 3.61 10.25
N TRP F 26 -25.23 2.85 11.25
CA TRP F 26 -26.55 3.06 11.86
C TRP F 26 -26.57 2.39 13.23
N TRP F 27 -27.50 2.85 14.07
CA TRP F 27 -27.71 2.22 15.36
C TRP F 27 -28.43 0.89 15.20
N VAL F 28 -28.10 -0.06 16.07
CA VAL F 28 -28.89 -1.27 16.24
C VAL F 28 -29.87 -1.11 17.40
N ASP F 29 -29.38 -0.60 18.53
CA ASP F 29 -30.21 -0.20 19.66
C ASP F 29 -29.58 1.07 20.21
N LYS F 30 -30.03 2.23 19.69
CA LYS F 30 -29.43 3.50 20.07
C LYS F 30 -29.39 3.70 21.58
N ASP F 31 -30.24 2.98 22.32
CA ASP F 31 -30.22 3.05 23.78
C ASP F 31 -29.11 2.19 24.35
N LYS F 32 -29.05 0.92 23.96
CA LYS F 32 -28.03 0.01 24.47
C LYS F 32 -26.63 0.45 24.08
N GLY F 33 -26.49 1.21 23.00
CA GLY F 33 -25.19 1.65 22.53
C GLY F 33 -24.59 0.84 21.42
N THR F 34 -25.38 -0.02 20.76
CA THR F 34 -24.88 -0.85 19.68
C THR F 34 -25.00 -0.14 18.34
N PHE F 35 -24.05 -0.42 17.45
CA PHE F 35 -24.10 0.11 16.10
C PHE F 35 -23.45 -0.89 15.16
N GLN F 36 -23.76 -0.75 13.87
CA GLN F 36 -23.35 -1.72 12.86
C GLN F 36 -23.03 -0.98 11.57
N PHE F 37 -22.09 -1.52 10.81
CA PHE F 37 -21.69 -0.94 9.54
C PHE F 37 -22.32 -1.70 8.39
N SER F 38 -22.49 -1.01 7.26
CA SER F 38 -22.98 -1.66 6.05
C SER F 38 -21.88 -2.52 5.46
N SER F 39 -22.17 -3.81 5.28
CA SER F 39 -21.16 -4.71 4.72
C SER F 39 -20.67 -4.23 3.37
N LYS F 40 -21.51 -3.49 2.64
CA LYS F 40 -21.14 -3.01 1.30
C LYS F 40 -20.52 -1.61 1.33
N HIS F 41 -21.03 -0.73 2.19
CA HIS F 41 -20.62 0.68 2.20
C HIS F 41 -19.63 1.01 3.31
N LYS F 42 -19.10 0.00 4.01
CA LYS F 42 -18.16 0.30 5.08
C LYS F 42 -16.86 0.88 4.54
N GLU F 43 -16.46 0.50 3.34
CA GLU F 43 -15.22 1.02 2.77
C GLU F 43 -15.31 2.52 2.54
N ALA F 44 -16.47 3.00 2.06
CA ALA F 44 -16.62 4.42 1.79
C ALA F 44 -16.57 5.27 3.05
N LEU F 45 -16.77 4.66 4.22
CA LEU F 45 -16.66 5.38 5.48
C LEU F 45 -15.22 5.40 5.98
N ALA F 46 -14.58 4.22 6.06
CA ALA F 46 -13.17 4.17 6.42
C ALA F 46 -12.34 5.05 5.50
N HIS F 47 -12.78 5.20 4.25
CA HIS F 47 -12.08 6.09 3.33
C HIS F 47 -12.12 7.53 3.83
N ARG F 48 -13.27 7.95 4.38
CA ARG F 48 -13.37 9.30 4.91
CA ARG F 48 -13.37 9.31 4.90
C ARG F 48 -12.60 9.46 6.21
N TRP F 49 -12.42 8.37 6.95
CA TRP F 49 -11.61 8.43 8.17
C TRP F 49 -10.17 8.74 7.85
N GLY F 50 -9.58 7.98 6.92
CA GLY F 50 -8.21 8.25 6.50
C GLY F 50 -8.02 9.64 5.93
N ILE F 51 -9.09 10.27 5.46
CA ILE F 51 -8.98 11.63 4.92
C ILE F 51 -8.94 12.64 6.05
N GLN F 52 -9.81 12.49 7.05
CA GLN F 52 -9.80 13.39 8.19
C GLN F 52 -8.49 13.32 8.97
N LYS F 53 -7.77 12.20 8.87
CA LYS F 53 -6.48 12.04 9.51
C LYS F 53 -5.32 12.50 8.63
N GLY F 54 -5.47 12.41 7.31
CA GLY F 54 -4.41 12.80 6.41
C GLY F 54 -3.25 11.82 6.34
N ASN F 55 -3.53 10.53 6.51
CA ASN F 55 -2.49 9.52 6.47
C ASN F 55 -1.86 9.43 5.08
N ARG F 56 -0.66 8.85 5.02
CA ARG F 56 0.03 8.67 3.75
C ARG F 56 -0.85 7.91 2.76
N LYS F 57 -1.35 6.74 3.16
CA LYS F 57 -2.12 5.87 2.30
C LYS F 57 -3.61 5.95 2.63
N LYS F 58 -4.43 5.49 1.69
CA LYS F 58 -5.87 5.52 1.89
C LYS F 58 -6.28 4.50 2.95
N MET F 59 -7.25 4.87 3.77
CA MET F 59 -7.66 4.02 4.88
C MET F 59 -8.62 2.95 4.38
N THR F 60 -8.34 1.70 4.76
CA THR F 60 -9.18 0.57 4.44
C THR F 60 -9.88 0.09 5.71
N TYR F 61 -11.11 -0.42 5.55
CA TYR F 61 -11.85 -0.87 6.72
C TYR F 61 -11.05 -1.88 7.53
N GLN F 62 -10.26 -2.73 6.86
CA GLN F 62 -9.46 -3.70 7.57
C GLN F 62 -8.51 -3.01 8.55
N LYS F 63 -7.92 -1.89 8.13
CA LYS F 63 -7.00 -1.17 9.00
C LYS F 63 -7.75 -0.45 10.12
N MET F 64 -8.85 0.23 9.78
CA MET F 64 -9.64 0.91 10.80
C MET F 64 -10.12 -0.07 11.86
N ALA F 65 -10.65 -1.22 11.43
CA ALA F 65 -11.07 -2.23 12.39
C ALA F 65 -9.90 -2.70 13.26
N ARG F 66 -8.70 -2.71 12.69
CA ARG F 66 -7.52 -3.07 13.47
C ARG F 66 -7.29 -2.08 14.62
N ALA F 67 -7.74 -0.83 14.44
CA ALA F 67 -7.66 0.15 15.52
C ALA F 67 -8.73 -0.10 16.58
N LEU F 68 -9.95 -0.41 16.15
CA LEU F 68 -11.03 -0.65 17.09
C LEU F 68 -10.66 -1.72 18.12
N ARG F 69 -10.03 -2.81 17.66
CA ARG F 69 -9.71 -3.90 18.57
C ARG F 69 -8.75 -3.46 19.67
N ASN F 70 -8.03 -2.36 19.50
CA ASN F 70 -7.17 -1.83 20.55
C ASN F 70 -7.94 -1.12 21.65
N TYR F 71 -9.17 -0.69 21.38
CA TYR F 71 -10.04 -0.18 22.44
C TYR F 71 -10.52 -1.27 23.39
N GLY F 72 -10.30 -2.54 23.05
CA GLY F 72 -10.76 -3.61 23.93
C GLY F 72 -10.12 -3.54 25.31
N LYS F 73 -8.82 -3.28 25.36
CA LYS F 73 -8.12 -3.28 26.65
C LYS F 73 -8.60 -2.16 27.56
N THR F 74 -9.00 -1.02 26.98
CA THR F 74 -9.42 0.12 27.78
C THR F 74 -10.94 0.20 27.96
N GLY F 75 -11.70 -0.42 27.07
CA GLY F 75 -13.15 -0.51 27.22
C GLY F 75 -13.94 0.47 26.39
N GLU F 76 -13.27 1.42 25.71
CA GLU F 76 -13.99 2.40 24.92
C GLU F 76 -14.99 1.73 23.98
N VAL F 77 -14.55 0.69 23.27
CA VAL F 77 -15.39 -0.04 22.35
C VAL F 77 -15.05 -1.52 22.45
N LYS F 78 -16.08 -2.36 22.49
CA LYS F 78 -15.93 -3.80 22.61
C LYS F 78 -16.71 -4.46 21.49
N LYS F 79 -16.04 -5.32 20.73
CA LYS F 79 -16.69 -5.98 19.60
C LYS F 79 -17.84 -6.85 20.09
N VAL F 80 -18.86 -6.97 19.25
CA VAL F 80 -20.02 -7.80 19.53
C VAL F 80 -19.88 -9.07 18.70
N LYS F 81 -20.50 -10.15 19.19
CA LYS F 81 -20.44 -11.42 18.49
C LYS F 81 -21.24 -11.39 17.19
N LYS F 82 -21.92 -10.28 16.90
CA LYS F 82 -22.71 -10.09 15.70
C LYS F 82 -21.82 -9.68 14.53
N LYS F 83 -22.41 -9.66 13.33
CA LYS F 83 -21.68 -9.21 12.15
C LYS F 83 -21.46 -7.71 12.19
N LEU F 84 -20.22 -7.29 11.96
CA LEU F 84 -19.84 -5.88 11.85
C LEU F 84 -20.54 -5.01 12.87
N THR F 85 -20.62 -5.46 14.12
CA THR F 85 -21.33 -4.76 15.17
C THR F 85 -20.37 -4.48 16.32
N TYR F 86 -20.37 -3.25 16.82
CA TYR F 86 -19.58 -2.86 17.97
C TYR F 86 -20.47 -2.16 18.97
N GLN F 87 -19.94 -1.92 20.17
CA GLN F 87 -20.72 -1.30 21.24
C GLN F 87 -19.88 -0.23 21.93
N PHE F 88 -20.46 0.96 22.09
CA PHE F 88 -19.84 2.02 22.85
C PHE F 88 -20.02 1.79 24.35
N SER F 89 -19.15 2.43 25.13
CA SER F 89 -19.27 2.44 26.58
C SER F 89 -20.09 3.65 27.03
N GLY F 90 -20.63 3.56 28.24
CA GLY F 90 -21.51 4.60 28.73
C GLY F 90 -20.81 5.95 28.87
N GLU F 91 -19.59 5.94 29.38
CA GLU F 91 -18.86 7.20 29.59
C GLU F 91 -18.80 8.02 28.31
N VAL F 92 -18.73 7.37 27.15
CA VAL F 92 -18.65 8.09 25.90
C VAL F 92 -19.99 8.71 25.57
N LEU F 93 -21.07 7.93 25.68
CA LEU F 93 -22.39 8.46 25.38
C LEU F 93 -22.71 9.66 26.27
N GLY F 94 -22.28 9.62 27.53
CA GLY F 94 -22.53 10.69 28.47
C GLY F 94 -22.28 10.25 29.90
N ARG F 95 -23.04 9.25 30.35
CA ARG F 95 -22.84 8.65 31.66
C ARG F 95 -23.68 7.39 31.80
#